data_4YX1
#
_entry.id   4YX1
#
_cell.length_a   35.000
_cell.length_b   41.270
_cell.length_c   48.000
_cell.angle_alpha   90.000
_cell.angle_beta   103.920
_cell.angle_gamma   90.000
#
_symmetry.space_group_name_H-M   'P 1 21 1'
#
loop_
_entity.id
_entity.type
_entity.pdbx_description
1 polymer 'Surface presentation of antigens protein SpaO'
2 non-polymer 'CALCIUM ION'
3 water water
#
_entity_poly.entity_id   1
_entity_poly.type   'polypeptide(L)'
_entity_poly.pdbx_seq_one_letter_code
;GPVDVKLEFVLYRKNVTLAELEA(MSE)GQQQLLSLPTNAELNVEI(MSE)ANGVLLGNGELVQ(MSE)NDTLGVEIHEW
LS
;
_entity_poly.pdbx_strand_id   A,B
#
loop_
_chem_comp.id
_chem_comp.type
_chem_comp.name
_chem_comp.formula
CA non-polymer 'CALCIUM ION' 'Ca 2'
#
# COMPACT_ATOMS: atom_id res chain seq x y z
N GLY A 1 -21.22 -1.08 -8.23
CA GLY A 1 -21.66 -1.99 -9.26
C GLY A 1 -20.50 -2.70 -9.92
N PRO A 2 -20.81 -3.52 -10.94
CA PRO A 2 -19.78 -4.34 -11.60
C PRO A 2 -18.68 -3.56 -12.32
N VAL A 3 -18.92 -2.31 -12.69
CA VAL A 3 -17.86 -1.59 -13.40
C VAL A 3 -16.81 -1.04 -12.44
N ASP A 4 -17.15 -1.04 -11.16
CA ASP A 4 -16.33 -0.44 -10.12
C ASP A 4 -15.30 -1.37 -9.56
N VAL A 5 -14.05 -0.92 -9.56
CA VAL A 5 -12.95 -1.71 -9.05
C VAL A 5 -12.24 -0.98 -7.92
N LYS A 6 -12.05 -1.66 -6.78
CA LYS A 6 -11.25 -1.12 -5.70
C LYS A 6 -9.78 -1.36 -6.01
N LEU A 7 -9.07 -0.29 -6.37
CA LEU A 7 -7.67 -0.39 -6.73
C LEU A 7 -6.82 0.01 -5.54
N GLU A 8 -5.82 -0.80 -5.20
CA GLU A 8 -4.90 -0.47 -4.12
C GLU A 8 -3.45 -0.61 -4.58
N PHE A 9 -2.61 0.30 -4.10
CA PHE A 9 -1.17 0.18 -4.21
C PHE A 9 -0.69 -0.15 -2.82
N VAL A 10 -0.21 -1.38 -2.64
CA VAL A 10 0.09 -1.88 -1.30
C VAL A 10 1.60 -1.98 -1.11
N LEU A 11 2.09 -1.28 -0.11
CA LEU A 11 3.52 -1.24 0.15
C LEU A 11 3.97 -2.53 0.84
N TYR A 12 3.11 -3.08 1.67
CA TYR A 12 3.45 -4.27 2.42
C TYR A 12 2.18 -4.93 2.89
N ARG A 13 2.09 -6.25 2.76
CA ARG A 13 0.99 -6.96 3.35
C ARG A 13 1.47 -8.25 3.97
N LYS A 14 0.72 -8.71 4.95
CA LYS A 14 1.16 -9.87 5.72
C LYS A 14 -0.03 -10.42 6.50
N ASN A 15 -0.08 -11.73 6.62
CA ASN A 15 -0.99 -12.37 7.57
C ASN A 15 -0.38 -12.30 8.96
N VAL A 16 -1.07 -11.64 9.87
CA VAL A 16 -0.53 -11.45 11.21
C VAL A 16 -1.52 -11.93 12.27
N THR A 17 -1.02 -12.25 13.46
CA THR A 17 -1.92 -12.66 14.53
C THR A 17 -2.52 -11.43 15.19
N LEU A 18 -3.60 -11.63 15.93
CA LEU A 18 -4.17 -10.54 16.70
C LEU A 18 -3.16 -9.97 17.70
N ALA A 19 -2.37 -10.83 18.35
CA ALA A 19 -1.35 -10.37 19.28
C ALA A 19 -0.31 -9.49 18.59
N GLU A 20 0.11 -9.89 17.39
CA GLU A 20 1.06 -9.09 16.64
C GLU A 20 0.46 -7.73 16.28
N LEU A 21 -0.81 -7.72 15.91
CA LEU A 21 -1.46 -6.47 15.55
C LEU A 21 -1.58 -5.56 16.77
N GLU A 22 -1.92 -6.14 17.93
CA GLU A 22 -1.97 -5.42 19.19
C GLU A 22 -0.63 -4.74 19.49
N ALA A 23 0.45 -5.49 19.32
CA ALA A 23 1.78 -4.96 19.59
C ALA A 23 2.10 -3.81 18.64
N MSE A 24 1.69 -3.94 17.39
CA MSE A 24 1.88 -2.87 16.42
C MSE A 24 1.16 -1.59 16.85
O MSE A 24 1.68 -0.48 16.70
CB MSE A 24 1.38 -3.31 15.05
CG MSE A 24 1.02 -2.18 14.09
SE MSE A 24 0.37 -2.94 12.45
CE MSE A 24 1.64 -4.47 12.55
N GLY A 25 -0.04 -1.76 17.39
CA GLY A 25 -0.86 -0.64 17.81
C GLY A 25 -0.27 0.16 18.95
N GLN A 26 0.73 -0.40 19.63
CA GLN A 26 1.45 0.32 20.70
C GLN A 26 2.57 1.21 20.17
N GLN A 27 2.85 1.12 18.87
CA GLN A 27 3.98 1.84 18.30
C GLN A 27 3.56 3.13 17.61
N GLN A 28 4.50 4.07 17.57
CA GLN A 28 4.29 5.30 16.81
C GLN A 28 5.06 5.32 15.50
N LEU A 29 6.06 4.46 15.37
CA LEU A 29 6.84 4.40 14.13
C LEU A 29 7.08 2.94 13.80
N LEU A 30 6.51 2.50 12.69
CA LEU A 30 6.57 1.08 12.33
C LEU A 30 7.60 0.87 11.24
N SER A 31 8.53 -0.04 11.47
CA SER A 31 9.54 -0.36 10.47
C SER A 31 8.98 -1.38 9.49
N LEU A 32 9.16 -1.12 8.19
CA LEU A 32 8.77 -2.10 7.19
C LEU A 32 9.97 -2.98 6.88
N PRO A 33 9.71 -4.18 6.33
CA PRO A 33 10.87 -5.02 5.99
C PRO A 33 11.76 -4.36 4.96
N THR A 34 13.04 -4.71 5.01
CA THR A 34 13.99 -4.27 4.00
C THR A 34 13.43 -4.54 2.61
N ASN A 35 13.48 -3.54 1.74
CA ASN A 35 13.04 -3.70 0.35
C ASN A 35 11.55 -4.06 0.15
N ALA A 36 10.71 -3.77 1.13
CA ALA A 36 9.28 -3.77 0.87
C ALA A 36 9.00 -2.89 -0.34
N GLU A 37 9.77 -1.81 -0.47
CA GLU A 37 9.61 -0.86 -1.59
C GLU A 37 9.90 -1.46 -2.96
N LEU A 38 10.55 -2.62 -3.01
CA LEU A 38 10.83 -3.30 -4.27
C LEU A 38 9.67 -4.18 -4.72
N ASN A 39 8.63 -4.25 -3.89
CA ASN A 39 7.49 -5.11 -4.17
C ASN A 39 6.19 -4.41 -3.80
N VAL A 40 5.98 -3.24 -4.39
CA VAL A 40 4.69 -2.59 -4.29
C VAL A 40 3.71 -3.40 -5.09
N GLU A 41 2.62 -3.80 -4.47
CA GLU A 41 1.67 -4.67 -5.13
C GLU A 41 0.45 -3.89 -5.55
N ILE A 42 0.00 -4.14 -6.78
CA ILE A 42 -1.19 -3.51 -7.32
C ILE A 42 -2.33 -4.51 -7.22
N MSE A 43 -3.33 -4.16 -6.42
CA MSE A 43 -4.48 -5.02 -6.13
C MSE A 43 -5.73 -4.46 -6.77
O MSE A 43 -5.96 -3.25 -6.75
CB MSE A 43 -4.72 -5.13 -4.62
CG MSE A 43 -3.49 -5.29 -3.77
SE MSE A 43 -2.72 -7.06 -3.91
CE MSE A 43 -4.11 -8.13 -3.11
N ALA A 44 -6.55 -5.34 -7.32
CA ALA A 44 -7.86 -4.95 -7.84
C ALA A 44 -8.89 -5.86 -7.19
N ASN A 45 -9.80 -5.28 -6.42
CA ASN A 45 -10.78 -6.04 -5.65
C ASN A 45 -10.13 -7.16 -4.86
N GLY A 46 -8.98 -6.85 -4.26
CA GLY A 46 -8.31 -7.79 -3.39
C GLY A 46 -7.50 -8.86 -4.09
N VAL A 47 -7.36 -8.75 -5.41
CA VAL A 47 -6.61 -9.71 -6.21
C VAL A 47 -5.37 -9.06 -6.79
N LEU A 48 -4.23 -9.75 -6.68
CA LEU A 48 -2.97 -9.22 -7.18
C LEU A 48 -2.98 -9.10 -8.71
N LEU A 49 -2.68 -7.91 -9.22
CA LEU A 49 -2.59 -7.66 -10.66
C LEU A 49 -1.18 -7.51 -11.16
N GLY A 50 -0.29 -7.06 -10.31
CA GLY A 50 1.05 -6.76 -10.75
C GLY A 50 1.86 -6.23 -9.60
N ASN A 51 3.14 -6.01 -9.85
CA ASN A 51 3.96 -5.42 -8.82
C ASN A 51 5.04 -4.56 -9.42
N GLY A 52 5.60 -3.72 -8.59
CA GLY A 52 6.59 -2.78 -9.03
C GLY A 52 7.40 -2.23 -7.89
N GLU A 53 8.08 -1.14 -8.17
CA GLU A 53 9.05 -0.58 -7.28
C GLU A 53 8.71 0.88 -7.06
N LEU A 54 8.78 1.33 -5.82
CA LEU A 54 8.52 2.71 -5.51
C LEU A 54 9.66 3.60 -6.02
N VAL A 55 9.28 4.69 -6.70
CA VAL A 55 10.25 5.63 -7.29
C VAL A 55 9.87 7.04 -6.89
N GLN A 56 10.85 7.87 -6.56
CA GLN A 56 10.57 9.29 -6.37
C GLN A 56 10.69 9.98 -7.72
N MSE A 57 9.57 10.48 -8.20
CA MSE A 57 9.51 11.20 -9.47
C MSE A 57 9.67 12.70 -9.18
O MSE A 57 9.94 13.09 -8.04
CB MSE A 57 8.20 10.91 -10.20
CG MSE A 57 7.93 9.42 -10.40
SE MSE A 57 6.27 9.07 -11.32
CE MSE A 57 6.69 9.88 -13.03
N ASN A 58 9.53 13.55 -10.19
CA ASN A 58 9.77 14.97 -9.96
C ASN A 58 8.77 15.65 -9.02
N ASP A 59 7.51 15.27 -9.10
CA ASP A 59 6.49 15.96 -8.33
C ASP A 59 5.70 15.03 -7.43
N THR A 60 5.87 13.72 -7.62
CA THR A 60 5.12 12.73 -6.86
C THR A 60 5.95 11.48 -6.67
N LEU A 61 5.40 10.52 -5.93
CA LEU A 61 5.93 9.17 -5.96
C LEU A 61 5.36 8.46 -7.17
N GLY A 62 6.05 7.44 -7.64
CA GLY A 62 5.54 6.62 -8.71
C GLY A 62 5.79 5.16 -8.43
N VAL A 63 5.17 4.31 -9.23
CA VAL A 63 5.45 2.88 -9.17
C VAL A 63 5.95 2.43 -10.53
N GLU A 64 7.21 1.99 -10.56
CA GLU A 64 7.82 1.42 -11.74
C GLU A 64 7.38 -0.03 -11.85
N ILE A 65 6.62 -0.37 -12.88
CA ILE A 65 6.09 -1.74 -12.98
C ILE A 65 7.20 -2.72 -13.34
N HIS A 66 7.27 -3.82 -12.60
CA HIS A 66 8.20 -4.88 -12.95
C HIS A 66 7.49 -6.10 -13.51
N GLU A 67 6.21 -6.27 -13.20
CA GLU A 67 5.44 -7.37 -13.72
C GLU A 67 3.96 -7.06 -13.70
N TRP A 68 3.30 -7.23 -14.83
CA TRP A 68 1.84 -7.29 -14.86
C TRP A 68 1.49 -8.76 -15.00
N LEU A 69 0.57 -9.24 -14.18
CA LEU A 69 0.21 -10.65 -14.20
C LEU A 69 -0.84 -10.94 -15.27
N PRO B 2 -7.02 -17.64 17.46
CA PRO B 2 -7.73 -17.06 16.31
C PRO B 2 -6.96 -17.23 15.00
N VAL B 3 -7.68 -17.13 13.89
CA VAL B 3 -7.08 -17.12 12.56
C VAL B 3 -6.29 -15.84 12.38
N ASP B 4 -5.29 -15.86 11.52
CA ASP B 4 -4.58 -14.65 11.16
C ASP B 4 -5.49 -13.62 10.49
N VAL B 5 -5.12 -12.36 10.63
CA VAL B 5 -5.80 -11.29 9.91
C VAL B 5 -4.89 -10.79 8.78
N LYS B 6 -5.52 -10.29 7.73
CA LYS B 6 -4.81 -9.76 6.55
C LYS B 6 -4.50 -8.28 6.73
N LEU B 7 -3.24 -7.99 7.07
CA LEU B 7 -2.76 -6.62 7.28
C LEU B 7 -2.18 -6.04 5.99
N GLU B 8 -2.54 -4.79 5.69
CA GLU B 8 -1.99 -4.08 4.54
C GLU B 8 -1.57 -2.67 4.90
N PHE B 9 -0.44 -2.24 4.36
CA PHE B 9 -0.04 -0.83 4.37
C PHE B 9 -0.30 -0.30 2.98
N VAL B 10 -1.31 0.55 2.86
CA VAL B 10 -1.83 0.98 1.57
C VAL B 10 -1.32 2.37 1.26
N LEU B 11 -0.53 2.50 0.21
CA LEU B 11 0.04 3.77 -0.16
C LEU B 11 -1.01 4.65 -0.81
N TYR B 12 -1.88 4.03 -1.60
CA TYR B 12 -2.92 4.76 -2.28
C TYR B 12 -4.04 3.83 -2.66
N ARG B 13 -5.27 4.28 -2.54
CA ARG B 13 -6.39 3.51 -3.02
C ARG B 13 -7.43 4.42 -3.62
N LYS B 14 -8.12 3.88 -4.62
CA LYS B 14 -9.21 4.61 -5.25
C LYS B 14 -10.11 3.64 -5.99
N ASN B 15 -11.31 4.10 -6.29
CA ASN B 15 -12.21 3.38 -7.16
C ASN B 15 -11.92 3.76 -8.60
N VAL B 16 -11.75 2.76 -9.46
CA VAL B 16 -11.58 3.00 -10.88
C VAL B 16 -12.56 2.14 -11.68
N THR B 17 -12.78 2.47 -12.94
CA THR B 17 -13.64 1.62 -13.76
C THR B 17 -12.84 0.47 -14.33
N LEU B 18 -13.54 -0.55 -14.82
CA LEU B 18 -12.89 -1.66 -15.49
C LEU B 18 -12.09 -1.21 -16.71
N ALA B 19 -12.58 -0.19 -17.41
CA ALA B 19 -11.85 0.37 -18.55
C ALA B 19 -10.54 1.05 -18.12
N GLU B 20 -10.59 1.81 -17.03
CA GLU B 20 -9.38 2.46 -16.52
C GLU B 20 -8.38 1.43 -16.04
N LEU B 21 -8.86 0.35 -15.46
CA LEU B 21 -8.00 -0.73 -15.03
C LEU B 21 -7.21 -1.32 -16.20
N GLU B 22 -7.89 -1.56 -17.32
CA GLU B 22 -7.23 -2.02 -18.53
C GLU B 22 -6.19 -1.01 -19.03
N ALA B 23 -6.56 0.27 -19.04
CA ALA B 23 -5.66 1.34 -19.49
C ALA B 23 -4.37 1.37 -18.68
N MSE B 24 -4.52 1.20 -17.36
CA MSE B 24 -3.40 1.21 -16.46
C MSE B 24 -2.37 0.15 -16.82
O MSE B 24 -1.16 0.37 -16.71
CB MSE B 24 -3.90 1.00 -15.03
CG MSE B 24 -2.84 0.95 -13.97
SE MSE B 24 -3.57 0.39 -12.26
CE MSE B 24 -4.07 -1.43 -12.71
N GLY B 25 -2.85 -1.00 -17.27
CA GLY B 25 -1.97 -2.10 -17.61
C GLY B 25 -1.07 -1.86 -18.82
N GLN B 26 -1.32 -0.76 -19.52
CA GLN B 26 -0.49 -0.39 -20.67
C GLN B 26 0.66 0.50 -20.27
N GLN B 27 0.73 0.86 -18.99
CA GLN B 27 1.76 1.77 -18.51
C GLN B 27 2.90 1.04 -17.84
N GLN B 28 4.09 1.62 -17.92
CA GLN B 28 5.25 1.05 -17.22
C GLN B 28 5.67 1.83 -15.97
N LEU B 29 5.24 3.07 -15.85
CA LEU B 29 5.54 3.89 -14.68
C LEU B 29 4.27 4.65 -14.31
N LEU B 30 3.73 4.35 -13.13
CA LEU B 30 2.47 4.92 -12.68
C LEU B 30 2.70 6.03 -11.69
N SER B 31 2.14 7.21 -11.94
CA SER B 31 2.25 8.29 -10.98
C SER B 31 1.18 8.18 -9.91
N LEU B 32 1.58 8.33 -8.65
CA LEU B 32 0.62 8.43 -7.56
C LEU B 32 0.29 9.89 -7.32
N PRO B 33 -0.84 10.16 -6.68
CA PRO B 33 -1.14 11.59 -6.47
C PRO B 33 -0.17 12.21 -5.47
N THR B 34 0.00 13.52 -5.56
CA THR B 34 0.89 14.21 -4.66
C THR B 34 0.42 13.98 -3.24
N ASN B 35 1.36 13.83 -2.32
CA ASN B 35 1.09 13.63 -0.90
C ASN B 35 0.42 12.29 -0.58
N ALA B 36 0.46 11.32 -1.50
CA ALA B 36 0.01 9.98 -1.18
C ALA B 36 0.81 9.44 0.00
N GLU B 37 2.09 9.79 0.03
CA GLU B 37 3.00 9.37 1.10
C GLU B 37 2.61 9.94 2.47
N LEU B 38 1.76 10.96 2.49
CA LEU B 38 1.31 11.56 3.75
C LEU B 38 0.07 10.89 4.30
N ASN B 39 -0.50 9.97 3.52
CA ASN B 39 -1.72 9.28 3.93
C ASN B 39 -1.62 7.78 3.67
N VAL B 40 -0.58 7.17 4.21
CA VAL B 40 -0.48 5.72 4.18
C VAL B 40 -1.58 5.19 5.08
N GLU B 41 -2.39 4.29 4.57
CA GLU B 41 -3.46 3.74 5.39
C GLU B 41 -3.12 2.35 5.86
N ILE B 42 -3.31 2.10 7.14
CA ILE B 42 -3.06 0.80 7.72
C ILE B 42 -4.40 0.12 7.84
N MSE B 43 -4.55 -1.02 7.17
CA MSE B 43 -5.81 -1.70 7.08
C MSE B 43 -5.67 -3.16 7.44
O MSE B 43 -4.63 -3.77 7.22
CB MSE B 43 -6.38 -1.55 5.68
CG MSE B 43 -6.44 -0.08 5.28
SE MSE B 43 -7.51 0.24 3.73
CE MSE B 43 -9.22 -0.27 4.50
N ALA B 44 -6.70 -3.74 8.05
CA ALA B 44 -6.69 -5.18 8.31
C ALA B 44 -8.08 -5.74 8.14
N ASN B 45 -8.20 -6.81 7.38
CA ASN B 45 -9.49 -7.42 7.12
C ASN B 45 -10.52 -6.39 6.67
N GLY B 46 -10.08 -5.43 5.87
CA GLY B 46 -10.98 -4.43 5.31
C GLY B 46 -11.31 -3.26 6.22
N VAL B 47 -10.78 -3.28 7.43
CA VAL B 47 -11.04 -2.24 8.42
C VAL B 47 -9.86 -1.26 8.42
N LEU B 48 -10.18 0.04 8.40
CA LEU B 48 -9.15 1.06 8.51
C LEU B 48 -8.67 1.16 9.96
N LEU B 49 -7.40 0.89 10.20
CA LEU B 49 -6.82 0.92 11.54
C LEU B 49 -6.18 2.24 11.88
N GLY B 50 -5.67 2.95 10.89
CA GLY B 50 -4.96 4.18 11.16
C GLY B 50 -4.33 4.73 9.91
N ASN B 51 -3.70 5.88 10.05
CA ASN B 51 -2.97 6.42 8.93
C ASN B 51 -1.67 7.01 9.37
N GLY B 52 -0.79 7.19 8.41
CA GLY B 52 0.53 7.64 8.73
C GLY B 52 1.25 8.12 7.51
N GLU B 53 2.55 8.28 7.67
CA GLU B 53 3.38 8.92 6.69
C GLU B 53 4.65 8.11 6.47
N LEU B 54 5.07 8.01 5.22
CA LEU B 54 6.33 7.34 4.89
C LEU B 54 7.53 8.09 5.43
N VAL B 55 8.45 7.35 6.01
CA VAL B 55 9.70 7.88 6.54
C VAL B 55 10.85 7.02 6.04
N GLN B 56 11.91 7.65 5.60
CA GLN B 56 13.13 6.90 5.32
C GLN B 56 13.91 6.77 6.62
N MSE B 57 14.05 5.55 7.11
CA MSE B 57 14.81 5.28 8.32
C MSE B 57 16.23 4.91 7.93
O MSE B 57 16.58 4.94 6.75
CB MSE B 57 14.16 4.18 9.15
CG MSE B 57 12.71 4.48 9.50
SE MSE B 57 11.79 3.05 10.46
CE MSE B 57 12.80 3.15 12.12
N ASN B 58 17.05 4.52 8.90
CA ASN B 58 18.45 4.24 8.61
C ASN B 58 18.67 3.02 7.71
N ASP B 59 17.79 2.03 7.78
CA ASP B 59 17.99 0.79 7.02
C ASP B 59 16.77 0.31 6.26
N THR B 60 15.63 0.95 6.51
CA THR B 60 14.37 0.54 5.89
C THR B 60 13.48 1.76 5.73
N LEU B 61 12.34 1.56 5.09
CA LEU B 61 11.25 2.54 5.16
C LEU B 61 10.46 2.30 6.42
N GLY B 62 9.85 3.35 6.94
CA GLY B 62 8.98 3.19 8.07
C GLY B 62 7.70 3.93 7.82
N VAL B 63 6.72 3.65 8.67
CA VAL B 63 5.49 4.41 8.66
C VAL B 63 5.34 5.10 10.01
N GLU B 64 5.36 6.43 9.97
CA GLU B 64 5.10 7.24 11.15
C GLU B 64 3.59 7.35 11.35
N ILE B 65 3.09 6.82 12.45
CA ILE B 65 1.65 6.86 12.69
C ILE B 65 1.18 8.25 13.09
N HIS B 66 0.19 8.76 12.37
CA HIS B 66 -0.38 10.03 12.77
C HIS B 66 -1.66 9.82 13.56
N GLU B 67 -2.37 8.74 13.29
CA GLU B 67 -3.52 8.39 14.11
C GLU B 67 -3.79 6.90 14.07
N TRP B 68 -3.90 6.27 15.24
CA TRP B 68 -4.55 4.97 15.36
C TRP B 68 -6.03 5.22 15.65
N LEU B 69 -6.92 4.64 14.85
CA LEU B 69 -8.34 4.87 15.05
C LEU B 69 -8.88 4.08 16.24
CA CA C . 5.85 14.76 8.34
CA CA D . 7.62 13.52 5.03
#